data_7KG0
#
_entry.id   7KG0
#
_cell.length_a   45.293
_cell.length_b   66.579
_cell.length_c   89.142
_cell.angle_alpha   90.000
_cell.angle_beta   95.500
_cell.angle_gamma   90.000
#
_symmetry.space_group_name_H-M   'P 1 21 1'
#
loop_
_entity.id
_entity.type
_entity.pdbx_description
1 polymer 'Poly(ADP-ribose) glycohydrolase'
2 non-polymer 5-({4-[(1,3-dimethyl-2,6-dioxo-1,2,3,6-tetrahydro-7H-purin-7-yl)methyl]phenyl}methyl)pyrimidine-2,4,6(1H,3H,5H)-trione
3 non-polymer 1,2-ETHANEDIOL
4 non-polymer 'SULFATE ION'
5 water water
#
_entity_poly.entity_id   1
_entity_poly.type   'polypeptide(L)'
_entity_poly.pdbx_seq_one_letter_code
;GSSPDKKWLGTPIEEMRRMPRCGIRLPLLRPSANHTVTIRVDLLRAGEVPKPFPTHYKDLWDNKHVKMPCSEQNLYPVED
ENGERTAGSRWELIQTALLNKFTRPQNLKDAILKYNVAYSKKWDFTALIDFWDKVLEEAEAQHLYQSILPDMVKIAL
(CME)LPNICTQPIPLLAAAMNHSITMSQEQIASLLANAFFCTFPRRNAKMKSEYSSYPDINFNRLFEGRSSRKPEKLKT
LFCYFRRVTAAAPTGLVTFTRQSLEDFPEWERCEKPLTRLHVTYEGTIEENGQGMLQVDFANRFVGGGVTSAGLVQEEIR
FLINPELIISRLFTEVLDHNECLIITGTEQYSEYTGYAETYRWSRSHEDGSERDDWQRRCTEIVAIDALHFRRYLDQFVP
EKMRRELNKAYCGFLRPGVSSENLSAVATGNWGCGAFGGDARLKALIQILAAAAAERDVVYFTFGDSELMRDIYSMHIFL
TERKLTVGDVYKLLLRYYNEECRNCSTPGPDIKLYPFIYHAVESCAETADHSGQRTGT
;
_entity_poly.pdbx_strand_id   A
#
loop_
_chem_comp.id
_chem_comp.type
_chem_comp.name
_chem_comp.formula
EDO non-polymer 1,2-ETHANEDIOL 'C2 H6 O2'
SO4 non-polymer 'SULFATE ION' 'O4 S -2'
WDA non-polymer 5-({4-[(1,3-dimethyl-2,6-dioxo-1,2,3,6-tetrahydro-7H-purin-7-yl)methyl]phenyl}methyl)pyrimidine-2,4,6(1H,3H,5H)-trione 'C19 H18 N6 O5'
#
# COMPACT_ATOMS: atom_id res chain seq x y z
N LYS A 7 -22.32 -17.77 -5.08
CA LYS A 7 -21.59 -16.62 -4.56
C LYS A 7 -20.16 -16.54 -5.11
N TRP A 8 -19.69 -17.65 -5.66
CA TRP A 8 -18.37 -17.71 -6.27
C TRP A 8 -18.39 -18.73 -7.40
N LEU A 9 -17.41 -18.62 -8.28
CA LEU A 9 -17.29 -19.49 -9.45
C LEU A 9 -15.82 -19.79 -9.70
N GLY A 10 -15.59 -20.93 -10.33
CA GLY A 10 -14.25 -21.30 -10.74
C GLY A 10 -13.60 -22.31 -9.83
N THR A 11 -12.29 -22.21 -9.72
CA THR A 11 -11.55 -23.07 -8.81
C THR A 11 -11.92 -22.72 -7.37
N PRO A 12 -12.22 -23.70 -6.52
CA PRO A 12 -12.48 -23.41 -5.11
C PRO A 12 -11.29 -22.67 -4.50
N ILE A 13 -11.59 -21.69 -3.65
CA ILE A 13 -10.50 -20.91 -3.08
C ILE A 13 -9.63 -21.77 -2.18
N GLU A 14 -10.18 -22.86 -1.64
CA GLU A 14 -9.41 -23.77 -0.81
C GLU A 14 -8.29 -24.46 -1.58
N GLU A 15 -8.36 -24.50 -2.91
CA GLU A 15 -7.33 -25.15 -3.70
C GLU A 15 -6.21 -24.20 -4.11
N MET A 16 -6.34 -22.91 -3.76
CA MET A 16 -5.35 -21.90 -4.12
C MET A 16 -4.19 -21.88 -3.13
N ARG A 17 -3.02 -21.50 -3.61
CA ARG A 17 -1.83 -21.46 -2.76
C ARG A 17 -1.78 -20.20 -1.90
N ARG A 18 -1.32 -20.39 -0.68
CA ARG A 18 -1.28 -19.33 0.32
C ARG A 18 0.01 -19.45 1.12
N MET A 19 0.52 -18.31 1.56
CA MET A 19 1.57 -18.28 2.56
C MET A 19 0.94 -18.46 3.94
N PRO A 20 1.69 -19.02 4.92
CA PRO A 20 3.10 -19.43 4.80
C PRO A 20 3.34 -20.80 4.17
N ARG A 21 2.28 -21.59 3.95
CA ARG A 21 2.48 -23.01 3.63
C ARG A 21 3.17 -23.22 2.29
N CYS A 22 2.82 -22.41 1.28
CA CYS A 22 3.48 -22.53 -0.01
C CYS A 22 4.88 -21.92 -0.02
N GLY A 23 5.34 -21.31 1.08
CA GLY A 23 6.55 -20.52 1.02
C GLY A 23 7.82 -21.35 0.95
N ILE A 24 8.82 -20.78 0.29
CA ILE A 24 10.16 -21.36 0.31
C ILE A 24 10.84 -21.00 1.63
N ARG A 25 11.81 -21.83 2.02
CA ARG A 25 12.60 -21.53 3.21
C ARG A 25 13.35 -20.21 3.03
N LEU A 26 13.07 -19.26 3.91
CA LEU A 26 13.76 -17.98 3.85
C LEU A 26 15.25 -18.13 4.16
N PRO A 27 16.12 -17.44 3.43
CA PRO A 27 17.53 -17.37 3.82
C PRO A 27 17.68 -16.60 5.12
N LEU A 28 18.85 -16.70 5.72
CA LEU A 28 19.17 -15.89 6.89
C LEU A 28 19.01 -14.42 6.52
N LEU A 29 18.33 -13.67 7.37
CA LEU A 29 18.21 -12.23 7.14
C LEU A 29 19.60 -11.62 7.30
N ARG A 30 20.05 -10.87 6.30
CA ARG A 30 21.34 -10.21 6.48
C ARG A 30 21.36 -8.94 5.65
N PRO A 31 21.97 -7.88 6.16
CA PRO A 31 22.11 -6.66 5.35
C PRO A 31 23.10 -6.83 4.21
N SER A 32 22.83 -6.14 3.12
CA SER A 32 23.67 -6.19 1.92
C SER A 32 23.52 -4.88 1.18
N ALA A 33 24.27 -4.75 0.08
CA ALA A 33 24.22 -3.52 -0.71
C ALA A 33 22.80 -3.21 -1.19
N ASN A 34 21.96 -4.22 -1.39
CA ASN A 34 20.60 -3.98 -1.84
C ASN A 34 19.55 -4.26 -0.77
N HIS A 35 19.95 -4.41 0.49
CA HIS A 35 18.99 -4.72 1.55
C HIS A 35 19.45 -4.01 2.81
N THR A 36 18.79 -2.91 3.13
CA THR A 36 19.00 -2.22 4.39
C THR A 36 18.23 -2.92 5.51
N VAL A 37 18.92 -3.31 6.57
CA VAL A 37 18.28 -3.97 7.71
C VAL A 37 18.63 -3.16 8.95
N THR A 38 17.60 -2.64 9.63
CA THR A 38 17.82 -1.65 10.67
C THR A 38 17.76 -2.23 12.08
N ILE A 39 17.79 -3.56 12.23
CA ILE A 39 17.73 -4.22 13.53
C ILE A 39 18.87 -5.22 13.62
N ARG A 40 19.12 -5.69 14.84
CA ARG A 40 20.15 -6.69 15.11
C ARG A 40 19.64 -8.07 14.70
N VAL A 41 20.14 -8.60 13.58
CA VAL A 41 19.62 -9.89 13.11
CA VAL A 41 19.62 -9.89 13.11
C VAL A 41 20.01 -11.03 14.02
N ASP A 42 21.16 -10.92 14.70
CA ASP A 42 21.61 -11.98 15.59
C ASP A 42 20.74 -12.09 16.83
N LEU A 43 19.99 -11.03 17.14
CA LEU A 43 19.15 -11.00 18.33
C LEU A 43 17.67 -11.11 17.99
N LEU A 44 17.32 -11.33 16.73
CA LEU A 44 15.91 -11.39 16.37
C LEU A 44 15.31 -12.67 16.94
N ARG A 45 14.30 -12.53 17.80
CA ARG A 45 13.69 -13.67 18.47
C ARG A 45 12.18 -13.46 18.52
N ALA A 46 11.44 -14.52 18.25
CA ALA A 46 9.99 -14.45 18.30
C ALA A 46 9.54 -13.96 19.67
N GLY A 47 8.64 -12.97 19.67
CA GLY A 47 8.08 -12.46 20.90
C GLY A 47 8.91 -11.42 21.61
N GLU A 48 10.06 -11.04 21.06
CA GLU A 48 10.91 -10.02 21.65
C GLU A 48 10.93 -8.79 20.75
N VAL A 49 10.93 -7.61 21.37
CA VAL A 49 11.11 -6.39 20.59
C VAL A 49 12.49 -6.41 19.92
N PRO A 50 12.58 -6.23 18.62
CA PRO A 50 13.88 -6.17 17.97
C PRO A 50 14.74 -5.02 18.49
N LYS A 51 16.03 -5.25 18.51
CA LYS A 51 16.99 -4.26 19.00
C LYS A 51 17.57 -3.51 17.82
N PRO A 52 17.56 -2.18 17.83
CA PRO A 52 18.12 -1.43 16.69
C PRO A 52 19.61 -1.70 16.49
N PHE A 53 20.00 -1.68 15.21
CA PHE A 53 21.39 -1.61 14.81
C PHE A 53 21.59 -0.39 13.92
N PRO A 54 22.56 0.48 14.20
CA PRO A 54 23.52 0.35 15.31
C PRO A 54 22.92 0.72 16.66
N THR A 55 23.73 0.58 17.72
CA THR A 55 23.25 0.87 19.07
C THR A 55 23.00 2.37 19.26
N HIS A 56 23.87 3.22 18.74
N HIS A 56 23.89 3.22 18.74
CA HIS A 56 23.75 4.66 18.90
CA HIS A 56 23.77 4.66 18.88
C HIS A 56 23.46 5.34 17.57
C HIS A 56 23.39 5.29 17.55
N TYR A 57 22.69 6.42 17.63
CA TYR A 57 22.18 7.07 16.43
C TYR A 57 23.31 7.50 15.49
N LYS A 58 23.12 7.23 14.20
CA LYS A 58 24.05 7.65 13.15
C LYS A 58 23.26 8.44 12.13
N ASP A 59 23.80 9.58 11.71
CA ASP A 59 23.02 10.53 10.92
C ASP A 59 23.60 10.66 9.52
N LEU A 60 22.70 10.72 8.53
CA LEU A 60 23.04 11.10 7.16
C LEU A 60 22.03 12.13 6.70
N TRP A 61 22.53 13.26 6.21
CA TRP A 61 21.72 14.39 5.77
C TRP A 61 22.19 14.68 4.34
N ASP A 62 21.52 14.07 3.37
CA ASP A 62 21.91 14.20 1.97
C ASP A 62 20.71 13.84 1.10
N ASN A 63 20.93 13.79 -0.22
CA ASN A 63 19.86 13.53 -1.18
C ASN A 63 19.57 12.05 -1.38
N LYS A 64 20.26 11.17 -0.67
CA LYS A 64 20.09 9.74 -0.83
C LYS A 64 19.42 9.06 0.36
N HIS A 65 19.12 9.82 1.42
CA HIS A 65 18.54 9.24 2.61
C HIS A 65 17.44 10.15 3.16
N VAL A 66 16.58 9.54 3.97
CA VAL A 66 15.58 10.29 4.72
C VAL A 66 16.29 11.33 5.57
N LYS A 67 15.76 12.55 5.56
CA LYS A 67 16.24 13.61 6.44
C LYS A 67 15.49 13.51 7.76
N MET A 68 16.19 13.07 8.82
CA MET A 68 15.50 12.77 10.08
C MET A 68 15.27 14.05 10.85
N PRO A 69 14.15 14.17 11.55
CA PRO A 69 13.92 15.37 12.36
C PRO A 69 14.92 15.53 13.48
N CYS A 70 15.52 14.43 13.95
CA CYS A 70 16.47 14.48 15.05
C CYS A 70 17.91 14.68 14.58
N SER A 71 18.13 15.02 13.31
CA SER A 71 19.48 15.31 12.84
C SER A 71 20.01 16.61 13.43
N GLU A 72 21.31 16.63 13.72
CA GLU A 72 21.96 17.87 14.12
C GLU A 72 21.94 18.92 13.01
N GLN A 73 21.70 18.51 11.76
CA GLN A 73 21.62 19.45 10.65
C GLN A 73 20.21 19.99 10.43
N ASN A 74 19.24 19.54 11.23
CA ASN A 74 17.89 20.09 11.20
C ASN A 74 17.88 21.35 12.04
N LEU A 75 17.90 22.51 11.37
CA LEU A 75 18.13 23.79 12.04
C LEU A 75 16.97 24.75 11.78
N TYR A 76 16.94 25.81 12.57
CA TYR A 76 15.93 26.85 12.42
C TYR A 76 16.50 28.13 12.99
N PRO A 77 16.12 29.29 12.42
CA PRO A 77 16.65 30.60 12.83
C PRO A 77 16.19 31.00 14.24
N ALA A 87 21.04 30.32 14.47
CA ALA A 87 20.77 28.90 14.17
C ALA A 87 20.60 28.05 15.45
N GLY A 88 19.42 27.45 15.60
CA GLY A 88 19.13 26.61 16.74
C GLY A 88 18.78 25.20 16.27
N SER A 89 18.72 24.28 17.22
CA SER A 89 18.38 22.89 16.91
C SER A 89 16.87 22.74 16.81
N ARG A 90 16.39 22.38 15.62
CA ARG A 90 14.96 22.20 15.45
C ARG A 90 14.46 21.01 16.27
N TRP A 91 15.29 19.99 16.44
CA TRP A 91 14.89 18.86 17.28
C TRP A 91 14.67 19.31 18.72
N GLU A 92 15.58 20.12 19.27
CA GLU A 92 15.37 20.68 20.60
C GLU A 92 14.06 21.47 20.67
N LEU A 93 13.76 22.23 19.61
CA LEU A 93 12.49 22.95 19.55
C LEU A 93 11.31 22.00 19.49
N ILE A 94 11.40 20.93 18.69
CA ILE A 94 10.32 19.95 18.64
C ILE A 94 10.08 19.35 20.02
N GLN A 95 11.15 18.96 20.71
CA GLN A 95 11.01 18.39 22.04
C GLN A 95 10.28 19.36 22.97
N THR A 96 10.69 20.63 22.96
CA THR A 96 10.05 21.60 23.84
C THR A 96 8.59 21.82 23.47
N ALA A 97 8.29 21.85 22.16
CA ALA A 97 6.91 22.08 21.74
C ALA A 97 5.99 20.94 22.17
N LEU A 98 6.41 19.70 21.94
CA LEU A 98 5.53 18.56 22.14
C LEU A 98 5.46 18.09 23.59
N LEU A 99 6.39 18.51 24.43
CA LEU A 99 6.38 18.16 25.86
C LEU A 99 5.62 19.19 26.67
N ASN A 100 4.42 19.48 26.21
CA ASN A 100 3.50 20.34 26.93
C ASN A 100 2.18 19.60 27.10
N LYS A 101 1.49 19.92 28.19
CA LYS A 101 0.17 19.36 28.42
C LYS A 101 -0.79 19.83 27.33
N PHE A 102 -1.49 18.88 26.73
CA PHE A 102 -2.58 19.21 25.82
C PHE A 102 -3.88 19.06 26.59
N THR A 103 -4.73 20.09 26.53
CA THR A 103 -6.07 19.96 27.06
C THR A 103 -7.15 20.48 26.13
N ARG A 104 -6.81 21.21 25.08
CA ARG A 104 -7.74 21.65 24.04
C ARG A 104 -7.06 21.52 22.70
N PRO A 105 -7.80 21.30 21.61
CA PRO A 105 -7.12 21.04 20.33
C PRO A 105 -6.24 22.17 19.85
N GLN A 106 -6.57 23.42 20.20
CA GLN A 106 -5.69 24.53 19.85
C GLN A 106 -4.28 24.35 20.45
N ASN A 107 -4.18 23.69 21.60
CA ASN A 107 -2.87 23.38 22.19
C ASN A 107 -2.01 22.57 21.25
N LEU A 108 -2.62 21.59 20.57
CA LEU A 108 -1.85 20.71 19.68
C LEU A 108 -1.52 21.40 18.38
N LYS A 109 -2.47 22.16 17.83
CA LYS A 109 -2.16 23.01 16.68
C LYS A 109 -1.00 23.95 16.97
N ASP A 110 -1.04 24.63 18.11
CA ASP A 110 0.02 25.58 18.44
C ASP A 110 1.36 24.87 18.60
N ALA A 111 1.35 23.67 19.17
CA ALA A 111 2.60 22.93 19.37
C ALA A 111 3.24 22.56 18.03
N ILE A 112 2.44 21.96 17.13
CA ILE A 112 2.94 21.57 15.81
C ILE A 112 3.44 22.79 15.03
N LEU A 113 2.78 23.95 15.16
CA LEU A 113 3.22 25.12 14.41
C LEU A 113 4.46 25.78 15.01
N LYS A 114 4.83 25.46 16.26
CA LYS A 114 6.03 26.06 16.83
C LYS A 114 7.27 25.73 15.98
N TYR A 115 7.33 24.54 15.38
CA TYR A 115 8.44 24.18 14.51
C TYR A 115 8.04 24.11 13.05
N ASN A 116 6.95 24.79 12.69
CA ASN A 116 6.46 24.87 11.32
C ASN A 116 5.91 26.27 11.09
N VAL A 117 6.67 27.28 11.52
CA VAL A 117 6.17 28.66 11.56
C VAL A 117 5.78 29.15 10.16
N ALA A 118 6.51 28.73 9.13
CA ALA A 118 6.24 29.21 7.78
C ALA A 118 4.87 28.76 7.27
N TYR A 119 4.29 27.74 7.91
CA TYR A 119 3.00 27.20 7.52
C TYR A 119 1.91 27.59 8.51
N SER A 120 2.21 28.52 9.43
CA SER A 120 1.25 28.84 10.46
C SER A 120 -0.02 29.45 9.88
N LYS A 121 0.03 30.02 8.67
CA LYS A 121 -1.19 30.50 8.01
C LYS A 121 -1.70 29.54 6.94
N LYS A 122 -0.82 28.74 6.34
CA LYS A 122 -1.24 27.86 5.25
C LYS A 122 -1.95 26.61 5.74
N TRP A 123 -1.54 26.06 6.88
CA TRP A 123 -2.03 24.75 7.34
C TRP A 123 -3.30 24.91 8.16
N ASP A 124 -4.38 24.31 7.67
CA ASP A 124 -5.68 24.32 8.33
C ASP A 124 -5.79 23.09 9.24
N PHE A 125 -6.25 23.30 10.47
CA PHE A 125 -6.43 22.24 11.45
C PHE A 125 -7.90 22.01 11.78
N THR A 126 -8.82 22.46 10.92
CA THR A 126 -10.25 22.40 11.21
C THR A 126 -10.69 20.98 11.52
N ALA A 127 -10.19 19.99 10.80
CA ALA A 127 -10.67 18.62 11.00
C ALA A 127 -10.18 18.06 12.33
N LEU A 128 -8.99 18.47 12.78
CA LEU A 128 -8.48 18.05 14.08
C LEU A 128 -9.29 18.67 15.20
N ILE A 129 -9.55 19.98 15.10
CA ILE A 129 -10.35 20.68 16.09
C ILE A 129 -11.76 20.09 16.15
N ASP A 130 -12.37 19.83 14.98
CA ASP A 130 -13.73 19.31 14.93
C ASP A 130 -13.79 17.87 15.45
N PHE A 131 -12.76 17.08 15.16
CA PHE A 131 -12.75 15.72 15.69
C PHE A 131 -12.74 15.75 17.20
N TRP A 132 -11.84 16.55 17.77
CA TRP A 132 -11.67 16.63 19.21
C TRP A 132 -12.88 17.26 19.89
N ASP A 133 -13.38 18.38 19.36
CA ASP A 133 -14.45 19.13 20.00
C ASP A 133 -15.86 18.70 19.61
N LYS A 134 -16.06 18.26 18.38
CA LYS A 134 -17.41 18.09 17.85
C LYS A 134 -17.78 16.65 17.51
N VAL A 135 -16.84 15.71 17.53
CA VAL A 135 -17.13 14.31 17.23
C VAL A 135 -16.98 13.44 18.47
N LEU A 136 -15.84 13.53 19.15
CA LEU A 136 -15.60 12.69 20.32
C LEU A 136 -16.51 13.08 21.47
N GLU A 137 -16.93 12.09 22.24
CA GLU A 137 -17.54 12.35 23.54
C GLU A 137 -16.48 12.87 24.49
N GLU A 138 -16.94 13.46 25.61
CA GLU A 138 -16.01 14.09 26.53
C GLU A 138 -14.97 13.09 27.03
N ALA A 139 -15.39 11.89 27.43
CA ALA A 139 -14.44 10.92 27.96
C ALA A 139 -13.48 10.42 26.88
N GLU A 140 -13.95 10.36 25.63
CA GLU A 140 -13.06 9.94 24.55
C GLU A 140 -12.01 11.01 24.27
N ALA A 141 -12.42 12.29 24.30
CA ALA A 141 -11.45 13.37 24.16
C ALA A 141 -10.43 13.32 25.29
N GLN A 142 -10.90 13.03 26.51
CA GLN A 142 -10.01 13.00 27.67
C GLN A 142 -8.95 11.93 27.50
N HIS A 143 -9.36 10.74 27.07
CA HIS A 143 -8.41 9.67 26.82
C HIS A 143 -7.45 10.09 25.72
N LEU A 144 -7.95 10.83 24.72
CA LEU A 144 -7.07 11.26 23.63
C LEU A 144 -5.95 12.16 24.14
N TYR A 145 -6.30 13.20 24.93
CA TYR A 145 -5.24 14.15 25.29
C TYR A 145 -4.51 13.80 26.57
N GLN A 146 -5.06 12.94 27.41
CA GLN A 146 -4.34 12.51 28.61
C GLN A 146 -3.49 11.25 28.40
N SER A 147 -3.85 10.40 27.44
N SER A 147 -3.85 10.40 27.44
CA SER A 147 -3.18 9.12 27.26
CA SER A 147 -3.16 9.12 27.26
C SER A 147 -2.59 8.95 25.86
C SER A 147 -2.58 8.95 25.87
N ILE A 148 -3.41 8.95 24.82
CA ILE A 148 -2.93 8.62 23.48
C ILE A 148 -1.89 9.64 22.99
N LEU A 149 -2.23 10.93 23.05
CA LEU A 149 -1.31 11.93 22.49
C LEU A 149 0.01 12.02 23.24
N PRO A 150 0.04 12.03 24.58
CA PRO A 150 1.35 12.01 25.24
C PRO A 150 2.15 10.77 24.92
N ASP A 151 1.47 9.63 24.80
CA ASP A 151 2.18 8.40 24.49
C ASP A 151 2.73 8.45 23.07
N MET A 152 1.99 9.07 22.15
CA MET A 152 2.50 9.30 20.81
C MET A 152 3.69 10.25 20.80
N VAL A 153 3.62 11.34 21.58
CA VAL A 153 4.78 12.23 21.69
C VAL A 153 6.00 11.46 22.17
N LYS A 154 5.83 10.66 23.22
CA LYS A 154 7.01 10.03 23.80
C LYS A 154 7.65 9.05 22.83
N ILE A 155 6.85 8.32 22.02
CA ILE A 155 7.51 7.41 21.06
C ILE A 155 8.10 8.21 19.91
N ALA A 156 7.46 9.33 19.53
CA ALA A 156 8.05 10.21 18.53
C ALA A 156 9.41 10.73 18.99
N LEU A 157 9.49 11.20 20.23
CA LEU A 157 10.72 11.82 20.70
C LEU A 157 11.82 10.81 20.99
N CME A 158 11.44 9.53 21.04
CA CME A 158 12.37 8.43 21.24
CB CME A 158 11.68 7.13 21.71
SG CME A 158 11.41 7.02 23.46
SD CME A 158 13.30 6.71 24.38
CE CME A 158 13.66 5.00 24.17
C CME A 158 13.08 8.07 19.95
O CME A 158 13.97 7.24 19.92
N LEU A 159 12.66 8.70 18.85
CA LEU A 159 13.23 8.41 17.51
C LEU A 159 14.74 8.14 17.39
N PRO A 160 15.62 9.02 17.92
CA PRO A 160 17.05 8.77 17.75
C PRO A 160 17.57 7.53 18.46
N ASN A 161 16.84 7.02 19.46
CA ASN A 161 17.20 5.77 20.13
C ASN A 161 16.59 4.55 19.44
N ILE A 162 15.66 4.76 18.52
CA ILE A 162 14.88 3.70 17.91
C ILE A 162 15.28 3.49 16.45
N CYS A 163 15.26 4.55 15.65
CA CYS A 163 15.73 4.50 14.25
C CYS A 163 17.17 5.03 14.21
N THR A 164 18.09 4.18 14.63
CA THR A 164 19.48 4.58 14.73
C THR A 164 20.21 4.56 13.40
N GLN A 165 19.64 3.95 12.36
CA GLN A 165 20.38 3.77 11.13
C GLN A 165 19.77 4.61 10.02
N PRO A 166 20.57 5.33 9.23
CA PRO A 166 20.00 6.14 8.15
C PRO A 166 19.20 5.26 7.20
N ILE A 167 18.08 5.78 6.76
CA ILE A 167 17.15 5.07 5.89
C ILE A 167 17.37 5.56 4.47
N PRO A 168 17.82 4.71 3.55
CA PRO A 168 17.98 5.17 2.18
C PRO A 168 16.63 5.41 1.55
N LEU A 169 16.59 6.39 0.66
CA LEU A 169 15.41 6.55 -0.18
C LEU A 169 15.35 5.41 -1.19
N LEU A 170 14.14 4.89 -1.41
CA LEU A 170 13.92 3.97 -2.52
C LEU A 170 13.64 4.81 -3.76
N ALA A 171 14.71 5.24 -4.42
CA ALA A 171 14.60 6.16 -5.54
C ALA A 171 14.28 5.40 -6.83
N ALA A 172 13.89 6.18 -7.85
CA ALA A 172 13.58 5.61 -9.16
C ALA A 172 14.70 4.70 -9.64
N ALA A 173 14.30 3.56 -10.21
CA ALA A 173 15.13 2.54 -10.83
C ALA A 173 15.97 1.75 -9.83
N MET A 174 15.86 2.02 -8.54
CA MET A 174 16.56 1.23 -7.54
C MET A 174 15.82 -0.09 -7.30
N ASN A 175 16.57 -1.18 -7.27
CA ASN A 175 16.07 -2.45 -6.77
C ASN A 175 16.68 -2.64 -5.40
N HIS A 176 15.86 -2.48 -4.36
CA HIS A 176 16.40 -2.34 -3.01
C HIS A 176 15.29 -2.60 -2.01
N SER A 177 15.65 -3.21 -0.89
CA SER A 177 14.69 -3.49 0.17
C SER A 177 15.17 -2.85 1.47
N ILE A 178 14.20 -2.41 2.25
CA ILE A 178 14.42 -1.94 3.61
C ILE A 178 13.61 -2.83 4.54
N THR A 179 14.27 -3.42 5.52
CA THR A 179 13.57 -4.21 6.53
C THR A 179 13.79 -3.55 7.88
N MET A 180 12.70 -3.21 8.55
CA MET A 180 12.72 -2.43 9.77
C MET A 180 11.70 -3.02 10.74
N SER A 181 11.80 -2.64 12.02
CA SER A 181 10.85 -3.21 12.97
C SER A 181 9.55 -2.42 12.96
N GLN A 182 8.45 -3.10 13.35
CA GLN A 182 7.18 -2.39 13.53
C GLN A 182 7.33 -1.28 14.55
N GLU A 183 8.18 -1.48 15.56
CA GLU A 183 8.39 -0.43 16.55
C GLU A 183 9.06 0.79 15.92
N GLN A 184 10.04 0.58 15.05
CA GLN A 184 10.65 1.71 14.35
C GLN A 184 9.64 2.43 13.47
N ILE A 185 8.76 1.68 12.81
CA ILE A 185 7.73 2.31 11.98
C ILE A 185 6.79 3.13 12.85
N ALA A 186 6.48 2.63 14.05
CA ALA A 186 5.59 3.36 14.95
C ALA A 186 6.20 4.71 15.36
N SER A 187 7.49 4.72 15.68
CA SER A 187 8.14 5.97 16.05
C SER A 187 8.16 6.95 14.88
N LEU A 188 8.39 6.45 13.66
CA LEU A 188 8.40 7.32 12.49
C LEU A 188 7.01 7.87 12.18
N LEU A 189 5.98 7.03 12.28
CA LEU A 189 4.62 7.49 11.99
C LEU A 189 4.14 8.49 13.04
N ALA A 190 4.55 8.33 14.30
CA ALA A 190 4.22 9.35 15.29
C ALA A 190 4.85 10.69 14.90
N ASN A 191 6.07 10.66 14.38
CA ASN A 191 6.69 11.89 13.88
C ASN A 191 5.92 12.48 12.70
N ALA A 192 5.50 11.64 11.77
CA ALA A 192 4.69 12.14 10.66
C ALA A 192 3.43 12.81 11.17
N PHE A 193 2.79 12.21 12.17
CA PHE A 193 1.57 12.81 12.73
C PHE A 193 1.84 14.21 13.25
N PHE A 194 2.92 14.36 14.03
CA PHE A 194 3.25 15.69 14.55
C PHE A 194 3.99 16.54 13.53
N CYS A 195 4.09 16.06 12.27
CA CYS A 195 4.59 16.88 11.15
C CYS A 195 6.03 17.32 11.36
N THR A 196 6.87 16.41 11.85
CA THR A 196 8.24 16.79 12.19
C THR A 196 9.24 16.54 11.06
N PHE A 197 8.84 15.92 9.96
CA PHE A 197 9.87 15.60 8.96
C PHE A 197 10.30 16.84 8.19
N PRO A 198 11.58 17.24 8.25
CA PRO A 198 11.99 18.48 7.60
C PRO A 198 12.12 18.33 6.11
N ARG A 199 11.92 19.46 5.41
CA ARG A 199 12.08 19.58 3.97
C ARG A 199 11.03 18.80 3.20
N ARG A 200 9.95 18.38 3.85
CA ARG A 200 8.91 17.60 3.20
C ARG A 200 7.61 18.38 3.06
N ASN A 201 7.65 19.70 3.29
CA ASN A 201 6.45 20.52 3.22
C ASN A 201 6.48 21.47 2.02
N GLU A 207 13.10 19.42 -3.57
CA GLU A 207 13.91 18.22 -3.75
C GLU A 207 13.11 16.95 -3.45
N TYR A 208 11.87 17.13 -2.98
CA TYR A 208 10.96 16.01 -2.69
C TYR A 208 9.68 16.09 -3.52
N SER A 209 9.72 16.81 -4.64
CA SER A 209 8.54 16.94 -5.49
C SER A 209 8.12 15.60 -6.08
N SER A 210 9.07 14.67 -6.25
CA SER A 210 8.80 13.34 -6.76
C SER A 210 8.54 12.32 -5.66
N TYR A 211 8.30 12.77 -4.43
CA TYR A 211 7.97 11.87 -3.34
C TYR A 211 6.60 12.20 -2.82
N PRO A 212 5.89 11.23 -2.23
CA PRO A 212 4.59 11.56 -1.63
C PRO A 212 4.78 12.45 -0.42
N ASP A 213 3.70 13.10 0.00
CA ASP A 213 3.72 13.74 1.31
C ASP A 213 3.90 12.70 2.40
N ILE A 214 4.54 13.07 3.51
CA ILE A 214 4.64 12.18 4.65
C ILE A 214 4.04 12.80 5.90
N ASN A 215 4.32 14.09 6.16
CA ASN A 215 3.70 14.73 7.31
C ASN A 215 2.19 14.73 7.17
N PHE A 216 1.48 14.62 8.29
CA PHE A 216 0.04 14.40 8.31
C PHE A 216 -0.78 15.68 8.24
N ASN A 217 -0.19 16.82 7.87
CA ASN A 217 -0.92 18.07 8.03
C ASN A 217 -2.20 18.09 7.21
N ARG A 218 -2.24 17.45 6.03
CA ARG A 218 -3.49 17.48 5.29
C ARG A 218 -4.58 16.63 5.92
N LEU A 219 -4.24 15.77 6.87
CA LEU A 219 -5.27 15.01 7.57
C LEU A 219 -6.10 15.91 8.47
N PHE A 220 -5.50 17.02 8.89
CA PHE A 220 -6.11 17.93 9.84
C PHE A 220 -6.96 19.00 9.15
N GLU A 221 -6.98 19.04 7.82
CA GLU A 221 -7.63 20.14 7.12
C GLU A 221 -9.06 19.81 6.71
N GLY A 222 -9.90 20.86 6.64
CA GLY A 222 -11.21 20.74 6.02
C GLY A 222 -12.32 20.20 6.91
N ARG A 223 -13.46 19.92 6.27
N ARG A 223 -13.46 19.92 6.27
CA ARG A 223 -14.65 19.46 6.98
CA ARG A 223 -14.66 19.46 6.96
C ARG A 223 -15.26 18.22 6.32
C ARG A 223 -15.26 18.21 6.33
N SER A 224 -14.45 17.39 5.66
CA SER A 224 -14.96 16.13 5.14
C SER A 224 -15.47 15.28 6.29
N SER A 225 -16.65 14.69 6.09
CA SER A 225 -17.19 13.81 7.12
C SER A 225 -16.36 12.55 7.28
N ARG A 226 -15.51 12.25 6.31
CA ARG A 226 -14.68 11.05 6.49
C ARG A 226 -13.42 11.33 7.31
N LYS A 227 -13.05 12.57 7.58
CA LYS A 227 -11.87 12.80 8.41
C LYS A 227 -12.01 12.22 9.81
N PRO A 228 -13.15 12.30 10.50
CA PRO A 228 -13.24 11.62 11.80
C PRO A 228 -13.03 10.12 11.70
N GLU A 229 -13.42 9.50 10.57
CA GLU A 229 -13.22 8.07 10.44
C GLU A 229 -11.75 7.74 10.18
N LYS A 230 -11.06 8.57 9.37
CA LYS A 230 -9.63 8.39 9.21
C LYS A 230 -8.92 8.56 10.54
N LEU A 231 -9.27 9.60 11.29
CA LEU A 231 -8.61 9.83 12.58
C LEU A 231 -8.89 8.68 13.55
N LYS A 232 -10.12 8.20 13.62
CA LYS A 232 -10.40 7.06 14.52
C LYS A 232 -9.57 5.86 14.13
N THR A 233 -9.40 5.64 12.83
CA THR A 233 -8.64 4.47 12.39
C THR A 233 -7.18 4.61 12.78
N LEU A 234 -6.61 5.79 12.60
CA LEU A 234 -5.20 5.97 12.92
C LEU A 234 -4.96 5.97 14.42
N PHE A 235 -5.84 6.60 15.20
CA PHE A 235 -5.63 6.60 16.64
C PHE A 235 -5.82 5.21 17.22
N CYS A 236 -6.64 4.38 16.59
CA CYS A 236 -6.73 2.99 17.01
C CYS A 236 -5.36 2.33 16.91
N TYR A 237 -4.70 2.52 15.76
CA TYR A 237 -3.34 2.02 15.60
C TYR A 237 -2.39 2.63 16.63
N PHE A 238 -2.41 3.96 16.80
CA PHE A 238 -1.43 4.60 17.68
C PHE A 238 -1.65 4.19 19.13
N ARG A 239 -2.91 3.98 19.52
CA ARG A 239 -3.18 3.49 20.86
C ARG A 239 -2.64 2.07 21.04
N ARG A 240 -2.77 1.23 20.01
CA ARG A 240 -2.30 -0.16 20.13
C ARG A 240 -0.79 -0.22 20.27
N VAL A 241 -0.06 0.45 19.39
CA VAL A 241 1.40 0.29 19.34
C VAL A 241 2.14 1.11 20.37
N THR A 242 1.49 2.13 20.98
CA THR A 242 2.11 2.78 22.13
C THR A 242 1.77 2.05 23.43
N ALA A 243 0.68 1.28 23.47
CA ALA A 243 0.36 0.53 24.66
C ALA A 243 1.20 -0.73 24.77
N ALA A 244 1.43 -1.40 23.65
CA ALA A 244 2.21 -2.63 23.63
C ALA A 244 3.01 -2.65 22.33
N ALA A 245 4.32 -2.50 22.45
CA ALA A 245 5.17 -2.47 21.26
C ALA A 245 5.01 -3.76 20.45
N PRO A 246 4.77 -3.65 19.15
CA PRO A 246 4.77 -4.85 18.30
C PRO A 246 6.18 -5.40 18.16
N THR A 247 6.28 -6.70 17.89
CA THR A 247 7.57 -7.37 17.95
C THR A 247 8.13 -7.76 16.59
N GLY A 248 7.39 -7.53 15.50
CA GLY A 248 7.74 -8.07 14.22
C GLY A 248 8.51 -7.09 13.35
N LEU A 249 8.77 -7.53 12.11
CA LEU A 249 9.48 -6.77 11.10
C LEU A 249 8.57 -6.55 9.89
N VAL A 250 8.90 -5.50 9.13
CA VAL A 250 8.28 -5.22 7.83
C VAL A 250 9.37 -4.98 6.79
N THR A 251 9.18 -5.54 5.58
CA THR A 251 10.11 -5.34 4.47
C THR A 251 9.43 -4.51 3.38
N PHE A 252 10.13 -3.49 2.91
CA PHE A 252 9.71 -2.65 1.78
C PHE A 252 10.68 -2.88 0.63
N THR A 253 10.17 -3.36 -0.51
CA THR A 253 11.03 -3.68 -1.64
C THR A 253 10.56 -2.92 -2.86
N ARG A 254 11.44 -2.10 -3.43
CA ARG A 254 11.16 -1.50 -4.72
C ARG A 254 11.69 -2.44 -5.78
N GLN A 255 10.84 -2.79 -6.74
CA GLN A 255 11.19 -3.71 -7.81
C GLN A 255 10.96 -3.04 -9.15
N SER A 256 11.99 -3.02 -9.98
CA SER A 256 11.86 -2.51 -11.35
C SER A 256 12.52 -3.52 -12.28
N LEU A 257 11.80 -3.88 -13.34
CA LEU A 257 12.29 -4.83 -14.32
C LEU A 257 12.82 -4.10 -15.55
N GLU A 258 13.94 -4.59 -16.07
CA GLU A 258 14.51 -4.01 -17.29
C GLU A 258 14.02 -4.70 -18.55
N ASP A 259 13.55 -5.94 -18.44
CA ASP A 259 13.10 -6.73 -19.59
C ASP A 259 11.68 -7.20 -19.35
N PHE A 260 10.81 -6.97 -20.32
CA PHE A 260 9.43 -7.40 -20.25
C PHE A 260 9.14 -8.38 -21.37
N PRO A 261 8.10 -9.22 -21.21
CA PRO A 261 7.88 -10.30 -22.17
C PRO A 261 7.49 -9.79 -23.55
N GLU A 262 7.70 -10.66 -24.54
CA GLU A 262 7.12 -10.48 -25.89
C GLU A 262 5.74 -11.12 -25.85
N TRP A 263 4.74 -10.32 -25.51
CA TRP A 263 3.45 -10.89 -25.10
C TRP A 263 2.81 -11.69 -26.21
N GLU A 264 2.96 -11.23 -27.46
CA GLU A 264 2.37 -11.88 -28.61
C GLU A 264 2.98 -13.26 -28.88
N ARG A 265 4.17 -13.53 -28.36
CA ARG A 265 4.83 -14.81 -28.57
C ARG A 265 4.77 -15.71 -27.35
N CYS A 266 4.15 -15.27 -26.26
CA CYS A 266 4.15 -16.06 -25.04
C CYS A 266 3.25 -17.28 -25.19
N GLU A 267 3.83 -18.47 -25.04
CA GLU A 267 3.09 -19.70 -25.24
C GLU A 267 2.55 -20.29 -23.94
N LYS A 268 2.56 -19.52 -22.86
CA LYS A 268 2.16 -20.04 -21.56
C LYS A 268 0.64 -20.19 -21.48
N PRO A 269 0.14 -21.23 -20.81
CA PRO A 269 -1.30 -21.40 -20.65
C PRO A 269 -1.82 -20.49 -19.55
N LEU A 270 -3.13 -20.30 -19.55
CA LEU A 270 -3.73 -19.56 -18.45
C LEU A 270 -3.69 -20.39 -17.17
N THR A 271 -3.69 -19.71 -16.03
CA THR A 271 -3.66 -20.36 -14.74
C THR A 271 -5.10 -20.46 -14.22
N ARG A 272 -5.28 -20.81 -12.96
CA ARG A 272 -6.61 -21.04 -12.44
C ARG A 272 -7.21 -19.72 -11.93
N LEU A 273 -8.53 -19.66 -11.89
CA LEU A 273 -9.28 -18.49 -11.47
C LEU A 273 -10.33 -18.88 -10.44
N HIS A 274 -10.39 -18.13 -9.35
CA HIS A 274 -11.52 -18.12 -8.44
C HIS A 274 -12.08 -16.70 -8.47
N VAL A 275 -13.36 -16.57 -8.80
CA VAL A 275 -13.95 -15.23 -8.87
C VAL A 275 -15.22 -15.17 -8.04
N THR A 276 -15.40 -14.09 -7.30
CA THR A 276 -16.51 -14.01 -6.36
C THR A 276 -16.95 -12.57 -6.17
N TYR A 277 -18.25 -12.37 -5.94
CA TYR A 277 -18.78 -11.04 -5.68
C TYR A 277 -18.95 -10.74 -4.20
N GLU A 278 -18.56 -11.67 -3.34
CA GLU A 278 -18.51 -11.38 -1.91
C GLU A 278 -17.08 -11.47 -1.43
N GLY A 279 -16.86 -11.08 -0.18
CA GLY A 279 -15.54 -11.15 0.42
C GLY A 279 -14.68 -9.94 0.08
N THR A 280 -13.52 -9.88 0.71
CA THR A 280 -12.57 -8.82 0.49
C THR A 280 -11.18 -9.39 0.25
N ILE A 281 -10.34 -8.57 -0.39
CA ILE A 281 -8.95 -8.96 -0.60
C ILE A 281 -8.28 -9.22 0.74
N GLU A 282 -8.49 -8.35 1.72
CA GLU A 282 -7.71 -8.45 2.95
C GLU A 282 -8.16 -9.63 3.81
N GLU A 283 -9.46 -9.95 3.83
CA GLU A 283 -9.89 -11.02 4.71
C GLU A 283 -9.84 -12.38 4.03
N ASN A 284 -10.47 -12.48 2.86
CA ASN A 284 -10.51 -13.74 2.14
C ASN A 284 -9.22 -14.03 1.37
N GLY A 285 -8.36 -13.03 1.17
CA GLY A 285 -7.11 -13.25 0.45
C GLY A 285 -5.91 -13.42 1.34
N GLN A 286 -6.12 -13.97 2.53
CA GLN A 286 -5.04 -14.07 3.50
C GLN A 286 -3.95 -15.00 2.98
N GLY A 287 -2.71 -14.58 3.14
CA GLY A 287 -1.59 -15.38 2.67
C GLY A 287 -1.37 -15.32 1.18
N MET A 288 -2.20 -14.59 0.45
CA MET A 288 -2.05 -14.38 -0.98
C MET A 288 -1.40 -13.04 -1.27
N LEU A 289 -0.83 -12.93 -2.47
CA LEU A 289 -0.32 -11.64 -2.93
C LEU A 289 -1.51 -10.71 -3.13
N GLN A 290 -1.60 -9.70 -2.29
CA GLN A 290 -2.74 -8.79 -2.28
C GLN A 290 -2.40 -7.53 -3.06
N VAL A 291 -3.22 -7.19 -4.06
CA VAL A 291 -2.95 -6.02 -4.87
C VAL A 291 -3.50 -4.78 -4.18
N ASP A 292 -2.66 -3.76 -4.07
CA ASP A 292 -3.10 -2.40 -3.76
C ASP A 292 -3.26 -1.63 -5.07
N PHE A 293 -4.48 -1.11 -5.31
CA PHE A 293 -4.77 -0.31 -6.50
C PHE A 293 -4.19 1.08 -6.27
N ALA A 294 -2.89 1.19 -6.52
CA ALA A 294 -2.11 2.32 -6.01
C ALA A 294 -2.15 3.53 -6.92
N ASN A 295 -1.92 4.70 -6.32
CA ASN A 295 -1.45 5.87 -7.03
C ASN A 295 0.06 5.71 -7.26
N ARG A 296 0.56 6.31 -8.35
CA ARG A 296 2.01 6.28 -8.57
C ARG A 296 2.76 6.94 -7.41
N PHE A 297 2.14 7.90 -6.73
CA PHE A 297 2.60 8.33 -5.41
C PHE A 297 1.93 7.40 -4.40
N VAL A 298 2.67 6.43 -3.85
CA VAL A 298 2.03 5.33 -3.15
C VAL A 298 1.27 5.84 -1.94
N GLY A 299 0.14 5.20 -1.67
CA GLY A 299 -0.75 5.61 -0.62
C GLY A 299 -1.81 6.60 -1.07
N GLY A 300 -1.61 7.27 -2.20
CA GLY A 300 -2.62 8.17 -2.73
C GLY A 300 -2.97 9.26 -1.75
N GLY A 301 -4.27 9.44 -1.53
CA GLY A 301 -4.67 10.46 -0.58
C GLY A 301 -4.91 9.96 0.82
N VAL A 302 -4.12 9.01 1.31
CA VAL A 302 -4.43 8.42 2.61
C VAL A 302 -4.45 9.47 3.70
N THR A 303 -3.45 10.36 3.72
CA THR A 303 -3.41 11.41 4.73
C THR A 303 -3.91 12.74 4.18
N SER A 304 -4.73 12.71 3.14
CA SER A 304 -5.50 13.87 2.73
C SER A 304 -6.96 13.45 2.52
N ALA A 305 -7.46 13.51 1.27
CA ALA A 305 -8.90 13.38 1.04
C ALA A 305 -9.39 11.99 0.62
N GLY A 306 -8.60 11.19 -0.10
CA GLY A 306 -9.14 9.97 -0.71
C GLY A 306 -9.48 8.88 0.29
N LEU A 307 -10.42 8.01 -0.10
CA LEU A 307 -10.86 6.93 0.80
C LEU A 307 -11.41 5.74 -0.01
N VAL A 308 -10.72 5.34 -1.07
CA VAL A 308 -11.11 4.11 -1.74
C VAL A 308 -10.08 3.04 -1.41
N GLN A 309 -9.91 2.04 -2.29
CA GLN A 309 -9.24 0.80 -1.87
C GLN A 309 -7.85 1.04 -1.29
N GLU A 310 -7.03 1.83 -1.97
CA GLU A 310 -5.65 2.01 -1.48
C GLU A 310 -5.63 2.73 -0.14
N GLU A 311 -6.42 3.78 -0.01
CA GLU A 311 -6.39 4.56 1.22
C GLU A 311 -6.93 3.75 2.38
N ILE A 312 -7.98 2.96 2.14
CA ILE A 312 -8.53 2.12 3.21
C ILE A 312 -7.47 1.14 3.70
N ARG A 313 -6.76 0.50 2.77
CA ARG A 313 -5.75 -0.47 3.21
C ARG A 313 -4.62 0.23 3.97
N PHE A 314 -4.21 1.42 3.52
CA PHE A 314 -3.19 2.16 4.25
C PHE A 314 -3.67 2.61 5.63
N LEU A 315 -4.98 2.76 5.82
CA LEU A 315 -5.47 3.16 7.14
C LEU A 315 -5.58 1.98 8.10
N ILE A 316 -6.05 0.84 7.62
CA ILE A 316 -6.23 -0.30 8.51
C ILE A 316 -4.93 -1.06 8.73
N ASN A 317 -3.96 -0.92 7.83
CA ASN A 317 -2.59 -1.42 8.00
C ASN A 317 -1.64 -0.21 7.93
N PRO A 318 -1.59 0.65 8.96
CA PRO A 318 -0.90 1.94 8.82
C PRO A 318 0.58 1.85 8.58
N GLU A 319 1.20 0.71 8.87
CA GLU A 319 2.63 0.64 8.60
C GLU A 319 2.92 0.81 7.12
N LEU A 320 1.92 0.55 6.27
CA LEU A 320 2.04 0.87 4.84
C LEU A 320 2.33 2.36 4.63
N ILE A 321 1.83 3.23 5.51
CA ILE A 321 1.96 4.66 5.28
C ILE A 321 3.42 5.11 5.26
N ILE A 322 4.29 4.42 6.01
CA ILE A 322 5.66 4.89 6.05
C ILE A 322 6.38 4.67 4.72
N SER A 323 5.83 3.84 3.84
CA SER A 323 6.36 3.77 2.48
C SER A 323 6.48 5.16 1.86
N ARG A 324 5.59 6.09 2.20
CA ARG A 324 5.66 7.45 1.68
C ARG A 324 6.88 8.24 2.17
N LEU A 325 7.46 7.86 3.31
CA LEU A 325 8.68 8.55 3.74
C LEU A 325 9.81 8.38 2.74
N PHE A 326 9.93 7.21 2.11
CA PHE A 326 11.14 6.92 1.34
C PHE A 326 10.90 6.35 -0.05
N THR A 327 9.66 6.22 -0.54
CA THR A 327 9.39 5.63 -1.85
C THR A 327 9.11 6.72 -2.89
N GLU A 328 10.03 6.90 -3.84
CA GLU A 328 9.85 7.88 -4.91
C GLU A 328 8.71 7.42 -5.82
N VAL A 329 8.10 8.39 -6.52
CA VAL A 329 7.00 8.07 -7.42
C VAL A 329 7.38 6.93 -8.35
N LEU A 330 6.45 5.99 -8.54
CA LEU A 330 6.70 4.80 -9.35
C LEU A 330 6.72 5.12 -10.84
N ASP A 331 7.70 4.56 -11.55
CA ASP A 331 7.74 4.64 -13.00
C ASP A 331 6.96 3.47 -13.59
N HIS A 332 6.84 3.45 -14.92
CA HIS A 332 5.97 2.48 -15.57
C HIS A 332 6.43 1.05 -15.35
N ASN A 333 7.73 0.83 -15.08
CA ASN A 333 8.26 -0.52 -14.95
C ASN A 333 8.50 -0.91 -13.50
N GLU A 334 7.85 -0.23 -12.54
CA GLU A 334 8.17 -0.37 -11.13
C GLU A 334 6.95 -0.72 -10.27
N CYS A 335 7.21 -1.36 -9.13
CA CYS A 335 6.21 -1.56 -8.10
C CYS A 335 6.88 -1.51 -6.75
N LEU A 336 6.05 -1.49 -5.70
CA LEU A 336 6.49 -1.58 -4.32
C LEU A 336 5.83 -2.79 -3.69
N ILE A 337 6.64 -3.66 -3.08
CA ILE A 337 6.20 -4.90 -2.44
C ILE A 337 6.45 -4.74 -0.96
N ILE A 338 5.41 -4.86 -0.14
CA ILE A 338 5.53 -4.67 1.31
CA ILE A 338 5.53 -4.67 1.30
C ILE A 338 5.08 -5.94 1.98
N THR A 339 5.97 -6.55 2.77
CA THR A 339 5.68 -7.81 3.43
C THR A 339 5.75 -7.60 4.94
N GLY A 340 4.69 -7.98 5.64
CA GLY A 340 4.68 -7.99 7.10
C GLY A 340 3.80 -6.96 7.76
N THR A 341 3.06 -6.12 7.02
CA THR A 341 2.24 -5.15 7.74
C THR A 341 1.08 -5.86 8.45
N GLU A 342 0.68 -5.28 9.58
CA GLU A 342 -0.31 -5.84 10.48
C GLU A 342 -1.62 -5.08 10.34
N GLN A 343 -2.74 -5.80 10.40
CA GLN A 343 -4.05 -5.15 10.38
C GLN A 343 -4.45 -4.77 11.80
N TYR A 344 -4.75 -3.49 12.02
CA TYR A 344 -5.09 -3.02 13.36
C TYR A 344 -6.54 -2.62 13.51
N SER A 345 -7.26 -2.39 12.41
CA SER A 345 -8.62 -1.91 12.47
C SER A 345 -9.50 -2.74 11.54
N GLU A 346 -10.77 -2.82 11.89
CA GLU A 346 -11.84 -3.29 11.00
C GLU A 346 -12.70 -2.09 10.63
N TYR A 347 -13.35 -2.19 9.46
CA TYR A 347 -14.10 -1.08 8.90
C TYR A 347 -15.35 -1.61 8.23
N THR A 348 -16.28 -0.70 7.97
CA THR A 348 -17.42 -0.98 7.12
C THR A 348 -17.51 0.07 6.02
N GLY A 349 -18.23 -0.27 4.96
CA GLY A 349 -18.42 0.70 3.92
C GLY A 349 -17.16 0.91 3.07
N TYR A 350 -17.19 2.01 2.33
CA TYR A 350 -16.23 2.30 1.29
C TYR A 350 -16.47 3.73 0.84
N ALA A 351 -15.38 4.46 0.62
CA ALA A 351 -15.52 5.84 0.15
C ALA A 351 -16.40 6.64 1.09
N GLU A 352 -17.51 7.20 0.56
CA GLU A 352 -18.37 8.10 1.34
C GLU A 352 -19.02 7.41 2.54
N THR A 353 -19.08 6.09 2.56
CA THR A 353 -19.69 5.36 3.65
C THR A 353 -18.67 4.69 4.57
N TYR A 354 -17.37 4.87 4.32
CA TYR A 354 -16.36 4.24 5.16
C TYR A 354 -16.55 4.66 6.61
N ARG A 355 -16.54 3.69 7.51
CA ARG A 355 -16.55 3.95 8.94
C ARG A 355 -15.58 3.01 9.63
N TRP A 356 -14.88 3.54 10.63
CA TRP A 356 -14.09 2.68 11.51
C TRP A 356 -15.07 1.88 12.38
N SER A 357 -14.81 0.57 12.50
CA SER A 357 -15.70 -0.35 13.20
CA SER A 357 -15.72 -0.31 13.22
C SER A 357 -15.22 -0.69 14.60
N ARG A 358 -13.98 -1.19 14.70
CA ARG A 358 -13.45 -1.73 15.95
C ARG A 358 -11.99 -2.11 15.69
N SER A 359 -11.26 -2.37 16.78
CA SER A 359 -9.89 -2.88 16.69
CA SER A 359 -9.89 -2.87 16.66
C SER A 359 -9.89 -4.28 16.09
N HIS A 360 -8.81 -4.61 15.38
CA HIS A 360 -8.64 -5.92 14.78
C HIS A 360 -7.46 -6.61 15.43
N GLU A 361 -7.66 -7.86 15.86
CA GLU A 361 -6.59 -8.71 16.36
C GLU A 361 -6.07 -9.54 15.20
N ASP A 362 -4.93 -9.13 14.65
CA ASP A 362 -4.40 -9.81 13.47
C ASP A 362 -3.95 -11.21 13.87
N GLY A 363 -4.48 -12.23 13.20
CA GLY A 363 -4.14 -13.61 13.46
C GLY A 363 -3.18 -14.23 12.46
N SER A 364 -2.58 -13.42 11.58
CA SER A 364 -1.64 -13.94 10.61
C SER A 364 -0.42 -14.53 11.31
N GLU A 365 0.04 -15.66 10.81
CA GLU A 365 1.28 -16.23 11.28
C GLU A 365 2.45 -15.34 10.83
N ARG A 366 3.57 -15.46 11.51
CA ARG A 366 4.79 -14.73 11.19
CA ARG A 366 4.78 -14.72 11.16
C ARG A 366 5.80 -15.67 10.53
N ASP A 367 6.58 -15.15 9.59
CA ASP A 367 7.61 -15.97 8.95
C ASP A 367 8.90 -15.95 9.76
N ASP A 368 9.96 -16.59 9.22
CA ASP A 368 11.19 -16.73 10.00
C ASP A 368 11.96 -15.44 10.13
N TRP A 369 11.50 -14.36 9.49
CA TRP A 369 12.02 -13.03 9.77
C TRP A 369 11.08 -12.25 10.67
N GLN A 370 10.10 -12.93 11.29
CA GLN A 370 9.12 -12.32 12.18
C GLN A 370 8.27 -11.28 11.45
N ARG A 371 8.05 -11.48 10.15
CA ARG A 371 7.13 -10.65 9.39
C ARG A 371 5.77 -11.35 9.34
N ARG A 372 4.69 -10.61 9.61
CA ARG A 372 3.37 -11.13 9.34
C ARG A 372 3.31 -11.68 7.92
N CYS A 373 2.63 -12.82 7.74
CA CYS A 373 2.50 -13.44 6.43
C CYS A 373 1.42 -12.70 5.63
N THR A 374 1.75 -11.45 5.31
CA THR A 374 0.87 -10.56 4.57
C THR A 374 1.73 -9.80 3.59
N GLU A 375 1.47 -10.01 2.31
CA GLU A 375 2.28 -9.45 1.23
C GLU A 375 1.37 -8.60 0.37
N ILE A 376 1.69 -7.31 0.25
CA ILE A 376 0.88 -6.34 -0.48
C ILE A 376 1.75 -5.74 -1.57
N VAL A 377 1.25 -5.67 -2.80
CA VAL A 377 2.00 -5.03 -3.88
C VAL A 377 1.23 -3.81 -4.38
N ALA A 378 1.90 -2.67 -4.38
CA ALA A 378 1.38 -1.42 -4.95
C ALA A 378 1.69 -1.39 -6.44
N ILE A 379 0.65 -1.40 -7.26
CA ILE A 379 0.80 -1.19 -8.70
C ILE A 379 -0.23 -0.15 -9.13
N ASP A 380 0.23 0.86 -9.86
CA ASP A 380 -0.60 2.00 -10.23
C ASP A 380 -1.09 1.82 -11.66
N ALA A 381 -2.40 1.73 -11.83
CA ALA A 381 -2.95 1.72 -13.18
C ALA A 381 -2.95 3.13 -13.77
N LEU A 382 -3.07 3.18 -15.10
CA LEU A 382 -3.17 4.46 -15.78
C LEU A 382 -4.54 5.08 -15.55
N HIS A 383 -4.58 6.41 -15.60
CA HIS A 383 -5.82 7.18 -15.57
C HIS A 383 -6.22 7.51 -17.01
N PHE A 384 -7.37 7.01 -17.43
CA PHE A 384 -7.83 7.18 -18.81
C PHE A 384 -8.90 8.27 -18.86
N ARG A 385 -8.50 9.46 -19.31
CA ARG A 385 -9.44 10.55 -19.49
C ARG A 385 -10.51 10.21 -20.53
N ARG A 386 -10.16 9.38 -21.51
CA ARG A 386 -11.12 8.91 -22.51
C ARG A 386 -11.13 7.39 -22.51
N TYR A 387 -12.34 6.81 -22.52
CA TYR A 387 -12.51 5.38 -22.31
C TYR A 387 -11.74 4.55 -23.33
N LEU A 388 -11.83 4.92 -24.61
CA LEU A 388 -11.23 4.09 -25.66
C LEU A 388 -9.71 4.11 -25.63
N ASP A 389 -9.09 5.08 -24.94
CA ASP A 389 -7.64 5.16 -24.91
C ASP A 389 -6.98 3.91 -24.36
N GLN A 390 -7.68 3.18 -23.48
CA GLN A 390 -7.06 2.05 -22.82
C GLN A 390 -6.95 0.85 -23.73
N PHE A 391 -7.62 0.84 -24.89
CA PHE A 391 -7.47 -0.27 -25.81
C PHE A 391 -6.34 -0.06 -26.81
N VAL A 392 -5.73 1.11 -26.82
CA VAL A 392 -4.56 1.32 -27.68
C VAL A 392 -3.46 0.35 -27.27
N PRO A 393 -2.79 -0.31 -28.21
CA PRO A 393 -1.86 -1.39 -27.83
C PRO A 393 -0.79 -0.96 -26.83
N GLU A 394 -0.19 0.23 -26.99
CA GLU A 394 0.84 0.64 -26.03
C GLU A 394 0.27 0.77 -24.63
N LYS A 395 -1.00 1.16 -24.51
CA LYS A 395 -1.61 1.32 -23.20
C LYS A 395 -1.98 -0.04 -22.59
N MET A 396 -2.41 -0.99 -23.41
CA MET A 396 -2.63 -2.35 -22.92
C MET A 396 -1.33 -2.98 -22.48
N ARG A 397 -0.28 -2.86 -23.29
CA ARG A 397 1.01 -3.46 -22.94
C ARG A 397 1.55 -2.83 -21.67
N ARG A 398 1.31 -1.53 -21.49
CA ARG A 398 1.77 -0.86 -20.27
C ARG A 398 1.15 -1.49 -19.04
N GLU A 399 -0.16 -1.74 -19.07
CA GLU A 399 -0.85 -2.29 -17.90
C GLU A 399 -0.46 -3.75 -17.69
N LEU A 400 -0.33 -4.52 -18.77
CA LEU A 400 0.20 -5.88 -18.67
C LEU A 400 1.55 -5.90 -17.98
N ASN A 401 2.45 -5.00 -18.39
CA ASN A 401 3.80 -5.02 -17.85
C ASN A 401 3.84 -4.54 -16.41
N LYS A 402 3.01 -3.56 -16.05
CA LYS A 402 2.93 -3.12 -14.65
C LYS A 402 2.48 -4.25 -13.74
N ALA A 403 1.40 -4.95 -14.13
CA ALA A 403 0.88 -6.05 -13.33
C ALA A 403 1.87 -7.21 -13.27
N TYR A 404 2.50 -7.52 -14.40
CA TYR A 404 3.53 -8.54 -14.44
C TYR A 404 4.65 -8.23 -13.46
N CYS A 405 5.18 -7.00 -13.51
CA CYS A 405 6.19 -6.59 -12.54
C CYS A 405 5.69 -6.81 -11.12
N GLY A 406 4.45 -6.42 -10.84
CA GLY A 406 3.91 -6.61 -9.52
C GLY A 406 3.80 -8.06 -9.08
N PHE A 407 3.61 -8.98 -10.03
CA PHE A 407 3.38 -10.38 -9.71
C PHE A 407 4.63 -11.24 -9.78
N LEU A 408 5.63 -10.84 -10.59
CA LEU A 408 6.80 -11.68 -10.82
C LEU A 408 7.72 -11.70 -9.60
N ARG A 409 8.20 -12.89 -9.24
CA ARG A 409 9.19 -13.04 -8.18
C ARG A 409 10.32 -13.84 -8.81
N PRO A 410 11.34 -13.15 -9.35
CA PRO A 410 12.35 -13.84 -10.16
C PRO A 410 13.06 -14.94 -9.38
N GLY A 411 13.16 -16.11 -10.00
CA GLY A 411 13.82 -17.25 -9.37
C GLY A 411 13.03 -17.87 -8.23
N VAL A 412 11.71 -17.91 -8.34
CA VAL A 412 10.85 -18.62 -7.41
C VAL A 412 9.99 -19.58 -8.23
N SER A 413 9.93 -20.85 -7.82
CA SER A 413 9.10 -21.82 -8.53
C SER A 413 7.63 -21.49 -8.36
N SER A 414 6.83 -21.86 -9.36
CA SER A 414 5.39 -21.60 -9.30
C SER A 414 4.74 -22.28 -8.09
N GLU A 415 5.26 -23.44 -7.70
CA GLU A 415 4.75 -24.14 -6.52
C GLU A 415 4.87 -23.29 -5.25
N ASN A 416 5.81 -22.35 -5.21
CA ASN A 416 6.02 -21.54 -4.01
C ASN A 416 5.44 -20.14 -4.17
N LEU A 417 4.58 -19.91 -5.17
CA LEU A 417 3.94 -18.62 -5.37
C LEU A 417 2.47 -18.71 -4.95
N SER A 418 2.06 -17.85 -4.03
CA SER A 418 0.66 -17.79 -3.67
C SER A 418 -0.17 -17.25 -4.84
N ALA A 419 -1.48 -17.47 -4.76
CA ALA A 419 -2.37 -16.85 -5.72
C ALA A 419 -2.35 -15.34 -5.54
N VAL A 420 -2.74 -14.63 -6.60
CA VAL A 420 -2.90 -13.18 -6.57
C VAL A 420 -4.33 -12.87 -6.18
N ALA A 421 -4.50 -12.04 -5.15
CA ALA A 421 -5.82 -11.59 -4.69
C ALA A 421 -6.04 -10.18 -5.21
N THR A 422 -6.99 -10.01 -6.12
CA THR A 422 -7.13 -8.72 -6.79
C THR A 422 -8.60 -8.47 -7.11
N GLY A 423 -8.85 -7.42 -7.89
CA GLY A 423 -10.17 -7.00 -8.29
C GLY A 423 -10.08 -5.97 -9.39
N ASN A 424 -11.05 -5.05 -9.45
CA ASN A 424 -11.19 -4.09 -10.56
C ASN A 424 -10.16 -2.97 -10.45
N TRP A 425 -8.93 -3.35 -10.68
CA TRP A 425 -7.78 -2.44 -10.64
C TRP A 425 -7.92 -1.30 -11.65
N GLY A 426 -7.90 -0.06 -11.18
CA GLY A 426 -7.89 1.09 -12.06
C GLY A 426 -9.24 1.46 -12.63
N CYS A 427 -10.30 0.86 -12.12
CA CYS A 427 -11.65 1.11 -12.62
C CYS A 427 -12.34 2.02 -11.60
N GLY A 428 -13.33 2.74 -12.05
CA GLY A 428 -13.84 3.84 -11.25
C GLY A 428 -13.17 5.16 -11.63
N ALA A 429 -12.51 5.80 -10.66
CA ALA A 429 -11.97 7.14 -10.89
C ALA A 429 -10.97 7.16 -12.03
N PHE A 430 -10.20 6.10 -12.22
CA PHE A 430 -9.22 6.10 -13.29
C PHE A 430 -9.79 5.66 -14.62
N GLY A 431 -11.05 5.25 -14.67
CA GLY A 431 -11.71 5.02 -15.94
C GLY A 431 -11.41 3.70 -16.63
N GLY A 432 -10.77 2.76 -15.95
CA GLY A 432 -10.48 1.49 -16.58
C GLY A 432 -11.72 0.65 -16.80
N ASP A 433 -11.69 -0.15 -17.86
CA ASP A 433 -12.76 -1.11 -18.15
C ASP A 433 -12.51 -2.39 -17.36
N ALA A 434 -13.48 -2.77 -16.52
CA ALA A 434 -13.28 -3.88 -15.60
C ALA A 434 -13.00 -5.19 -16.33
N ARG A 435 -13.68 -5.42 -17.45
CA ARG A 435 -13.49 -6.68 -18.16
C ARG A 435 -12.13 -6.74 -18.85
N LEU A 436 -11.68 -5.62 -19.42
CA LEU A 436 -10.32 -5.56 -19.97
C LEU A 436 -9.30 -5.75 -18.86
N LYS A 437 -9.42 -4.99 -17.77
CA LYS A 437 -8.45 -5.09 -16.68
C LYS A 437 -8.44 -6.48 -16.05
N ALA A 438 -9.59 -7.12 -15.92
CA ALA A 438 -9.59 -8.51 -15.44
C ALA A 438 -8.75 -9.38 -16.35
N LEU A 439 -8.93 -9.23 -17.67
CA LEU A 439 -8.21 -10.08 -18.62
C LEU A 439 -6.72 -9.78 -18.58
N ILE A 440 -6.37 -8.49 -18.47
CA ILE A 440 -4.97 -8.09 -18.40
C ILE A 440 -4.30 -8.70 -17.17
N GLN A 441 -4.97 -8.63 -16.02
CA GLN A 441 -4.40 -9.23 -14.81
C GLN A 441 -4.29 -10.74 -14.94
N ILE A 442 -5.28 -11.38 -15.58
CA ILE A 442 -5.22 -12.83 -15.78
C ILE A 442 -4.03 -13.20 -16.66
N LEU A 443 -3.80 -12.42 -17.72
CA LEU A 443 -2.64 -12.69 -18.57
C LEU A 443 -1.34 -12.50 -17.83
N ALA A 444 -1.23 -11.42 -17.06
CA ALA A 444 -0.01 -11.15 -16.33
C ALA A 444 0.26 -12.22 -15.28
N ALA A 445 -0.79 -12.65 -14.57
CA ALA A 445 -0.61 -13.71 -13.60
C ALA A 445 -0.19 -15.01 -14.28
N ALA A 446 -0.80 -15.33 -15.42
CA ALA A 446 -0.38 -16.51 -16.17
C ALA A 446 1.12 -16.44 -16.52
N ALA A 447 1.58 -15.27 -16.95
CA ALA A 447 2.99 -15.11 -17.32
C ALA A 447 3.90 -15.19 -16.10
N ALA A 448 3.43 -14.73 -14.95
CA ALA A 448 4.16 -14.90 -13.69
C ALA A 448 3.91 -16.24 -13.02
N GLU A 449 3.07 -17.08 -13.64
CA GLU A 449 2.81 -18.44 -13.19
C GLU A 449 2.15 -18.46 -11.80
N ARG A 450 1.16 -17.60 -11.62
CA ARG A 450 0.37 -17.55 -10.40
C ARG A 450 -1.11 -17.67 -10.77
N ASP A 451 -1.88 -18.29 -9.89
CA ASP A 451 -3.34 -18.34 -10.01
C ASP A 451 -3.94 -17.01 -9.58
N VAL A 452 -5.22 -16.81 -9.88
CA VAL A 452 -5.90 -15.53 -9.65
C VAL A 452 -7.12 -15.74 -8.77
N VAL A 453 -7.27 -14.91 -7.74
CA VAL A 453 -8.47 -14.84 -6.92
C VAL A 453 -9.01 -13.42 -7.07
N TYR A 454 -10.22 -13.30 -7.63
CA TYR A 454 -10.70 -12.01 -8.13
C TYR A 454 -12.00 -11.63 -7.42
N PHE A 455 -12.01 -10.43 -6.82
CA PHE A 455 -13.13 -9.97 -6.02
C PHE A 455 -13.87 -8.87 -6.75
N THR A 456 -15.17 -9.06 -6.98
CA THR A 456 -15.95 -8.07 -7.72
C THR A 456 -16.86 -7.23 -6.85
N PHE A 457 -16.81 -7.40 -5.52
CA PHE A 457 -17.46 -6.51 -4.56
C PHE A 457 -18.90 -6.17 -4.94
N GLY A 458 -19.73 -7.19 -5.06
CA GLY A 458 -21.15 -7.03 -5.26
C GLY A 458 -21.60 -7.17 -6.70
N ASP A 459 -20.69 -7.00 -7.65
CA ASP A 459 -21.00 -7.12 -9.08
C ASP A 459 -21.08 -8.59 -9.43
N SER A 460 -22.27 -9.16 -9.33
CA SER A 460 -22.44 -10.57 -9.66
C SER A 460 -22.40 -10.81 -11.17
N GLU A 461 -22.88 -9.86 -11.98
CA GLU A 461 -22.82 -10.04 -13.43
C GLU A 461 -21.37 -10.07 -13.90
N LEU A 462 -20.54 -9.18 -13.37
CA LEU A 462 -19.13 -9.19 -13.68
C LEU A 462 -18.47 -10.50 -13.25
N MET A 463 -18.78 -10.99 -12.04
CA MET A 463 -18.31 -12.31 -11.65
C MET A 463 -18.59 -13.37 -12.71
N ARG A 464 -19.86 -13.47 -13.13
N ARG A 464 -19.85 -13.46 -13.15
CA ARG A 464 -20.22 -14.47 -14.13
CA ARG A 464 -20.22 -14.47 -14.13
C ARG A 464 -19.48 -14.23 -15.44
C ARG A 464 -19.52 -14.23 -15.46
N ASP A 465 -19.32 -12.96 -15.83
CA ASP A 465 -18.69 -12.64 -17.12
C ASP A 465 -17.22 -13.00 -17.15
N ILE A 466 -16.51 -12.70 -16.06
CA ILE A 466 -15.10 -13.05 -15.99
C ILE A 466 -14.92 -14.57 -15.94
N TYR A 467 -15.73 -15.26 -15.13
CA TYR A 467 -15.63 -16.72 -15.09
C TYR A 467 -15.91 -17.32 -16.46
N SER A 468 -16.95 -16.84 -17.13
CA SER A 468 -17.35 -17.46 -18.39
C SER A 468 -16.27 -17.29 -19.45
N MET A 469 -15.64 -16.12 -19.49
CA MET A 469 -14.56 -15.89 -20.44
C MET A 469 -13.35 -16.73 -20.10
N HIS A 470 -12.99 -16.77 -18.83
CA HIS A 470 -11.83 -17.55 -18.42
C HIS A 470 -12.00 -19.04 -18.76
N ILE A 471 -13.16 -19.62 -18.46
CA ILE A 471 -13.35 -21.04 -18.75
C ILE A 471 -13.38 -21.30 -20.25
N PHE A 472 -13.95 -20.38 -21.02
CA PHE A 472 -13.96 -20.47 -22.47
C PHE A 472 -12.53 -20.51 -23.02
N LEU A 473 -11.70 -19.56 -22.58
CA LEU A 473 -10.34 -19.49 -23.08
C LEU A 473 -9.52 -20.69 -22.63
N THR A 474 -9.70 -21.14 -21.38
CA THR A 474 -8.91 -22.30 -20.92
C THR A 474 -9.39 -23.59 -21.59
N GLU A 475 -10.70 -23.78 -21.74
CA GLU A 475 -11.18 -25.02 -22.36
C GLU A 475 -10.76 -25.11 -23.82
N ARG A 476 -10.52 -23.97 -24.47
CA ARG A 476 -10.03 -23.92 -25.84
C ARG A 476 -8.50 -23.84 -25.93
N LYS A 477 -7.80 -23.91 -24.79
CA LYS A 477 -6.35 -24.07 -24.72
C LYS A 477 -5.59 -22.85 -25.27
N LEU A 478 -6.18 -21.67 -25.21
CA LEU A 478 -5.53 -20.47 -25.76
C LEU A 478 -4.40 -20.01 -24.85
N THR A 479 -3.27 -19.64 -25.46
CA THR A 479 -2.12 -19.20 -24.68
C THR A 479 -2.26 -17.72 -24.33
N VAL A 480 -1.35 -17.23 -23.47
CA VAL A 480 -1.26 -15.80 -23.22
C VAL A 480 -1.12 -15.04 -24.53
N GLY A 481 -0.25 -15.53 -25.42
CA GLY A 481 -0.07 -14.88 -26.70
C GLY A 481 -1.32 -14.90 -27.56
N ASP A 482 -2.02 -16.04 -27.58
CA ASP A 482 -3.28 -16.12 -28.33
C ASP A 482 -4.25 -15.04 -27.87
N VAL A 483 -4.39 -14.87 -26.56
CA VAL A 483 -5.31 -13.88 -26.03
C VAL A 483 -4.83 -12.47 -26.37
N TYR A 484 -3.53 -12.21 -26.18
CA TYR A 484 -3.03 -10.86 -26.43
C TYR A 484 -3.27 -10.44 -27.86
N LYS A 485 -3.08 -11.36 -28.82
CA LYS A 485 -3.30 -11.05 -30.21
C LYS A 485 -4.77 -10.76 -30.50
N LEU A 486 -5.68 -11.37 -29.74
CA LEU A 486 -7.09 -11.03 -29.87
C LEU A 486 -7.36 -9.62 -29.38
N LEU A 487 -6.70 -9.21 -28.30
CA LEU A 487 -6.85 -7.85 -27.81
C LEU A 487 -6.38 -6.84 -28.86
N LEU A 488 -5.27 -7.15 -29.52
CA LEU A 488 -4.82 -6.29 -30.62
C LEU A 488 -5.83 -6.28 -31.77
N ARG A 489 -6.43 -7.44 -32.08
CA ARG A 489 -7.47 -7.48 -33.11
C ARG A 489 -8.65 -6.59 -32.71
N TYR A 490 -9.05 -6.62 -31.44
CA TYR A 490 -10.16 -5.79 -30.99
C TYR A 490 -9.86 -4.32 -31.22
N TYR A 491 -8.66 -3.89 -30.83
CA TYR A 491 -8.28 -2.50 -31.06
C TYR A 491 -8.35 -2.16 -32.55
N ASN A 492 -7.71 -2.97 -33.38
CA ASN A 492 -7.56 -2.58 -34.77
C ASN A 492 -8.89 -2.64 -35.53
N GLU A 493 -9.78 -3.54 -35.15
CA GLU A 493 -11.00 -3.80 -35.90
C GLU A 493 -12.24 -3.10 -35.35
N GLU A 494 -12.25 -2.76 -34.05
CA GLU A 494 -13.44 -2.14 -33.45
C GLU A 494 -13.15 -0.82 -32.75
N CYS A 495 -11.89 -0.50 -32.43
CA CYS A 495 -11.55 0.71 -31.71
C CYS A 495 -10.85 1.75 -32.57
N ARG A 496 -9.89 1.34 -33.41
CA ARG A 496 -9.01 2.29 -34.07
C ARG A 496 -9.79 3.33 -34.87
N ASN A 497 -10.82 2.90 -35.59
CA ASN A 497 -11.59 3.80 -36.44
C ASN A 497 -12.98 4.07 -35.89
N CYS A 498 -13.16 3.88 -34.59
CA CYS A 498 -14.45 4.11 -33.93
C CYS A 498 -14.82 5.59 -33.98
N SER A 499 -16.10 5.86 -34.16
CA SER A 499 -16.60 7.24 -34.19
C SER A 499 -17.20 7.69 -32.87
N THR A 500 -17.88 6.82 -32.14
CA THR A 500 -18.56 7.19 -30.90
C THR A 500 -17.61 7.18 -29.69
N GLY A 502 -17.45 4.74 -27.00
CA GLY A 502 -17.49 3.29 -26.93
C GLY A 502 -17.76 2.64 -28.28
N PRO A 503 -17.18 1.46 -28.49
CA PRO A 503 -17.41 0.73 -29.75
C PRO A 503 -18.77 0.05 -29.75
N ASP A 504 -19.20 -0.30 -30.97
CA ASP A 504 -20.45 -1.03 -31.13
C ASP A 504 -20.39 -2.39 -30.44
N ILE A 505 -19.27 -3.11 -30.61
CA ILE A 505 -19.09 -4.44 -30.06
C ILE A 505 -18.19 -4.34 -28.84
N LYS A 506 -18.61 -4.93 -27.73
CA LYS A 506 -17.79 -4.96 -26.54
C LYS A 506 -16.72 -6.06 -26.64
N LEU A 507 -15.72 -5.97 -25.76
CA LEU A 507 -14.54 -6.81 -25.85
C LEU A 507 -14.87 -8.29 -25.75
N TYR A 508 -15.62 -8.68 -24.71
CA TYR A 508 -15.84 -10.12 -24.52
C TYR A 508 -16.69 -10.69 -25.64
N PRO A 509 -17.82 -10.08 -26.03
CA PRO A 509 -18.53 -10.54 -27.25
C PRO A 509 -17.64 -10.64 -28.49
N PHE A 510 -16.72 -9.68 -28.68
CA PHE A 510 -15.80 -9.77 -29.81
C PHE A 510 -14.94 -11.02 -29.70
N ILE A 511 -14.37 -11.27 -28.52
CA ILE A 511 -13.48 -12.40 -28.33
C ILE A 511 -14.22 -13.71 -28.59
N TYR A 512 -15.42 -13.86 -28.00
CA TYR A 512 -16.20 -15.07 -28.24
C TYR A 512 -16.42 -15.29 -29.73
N HIS A 513 -16.88 -14.26 -30.44
CA HIS A 513 -17.18 -14.41 -31.86
C HIS A 513 -15.91 -14.71 -32.67
N ALA A 514 -14.81 -14.04 -32.33
CA ALA A 514 -13.56 -14.23 -33.06
C ALA A 514 -13.03 -15.66 -32.91
N VAL A 515 -13.06 -16.18 -31.68
CA VAL A 515 -12.56 -17.54 -31.43
C VAL A 515 -13.50 -18.58 -32.01
N GLU A 516 -14.81 -18.44 -31.75
CA GLU A 516 -15.74 -19.46 -32.23
C GLU A 516 -15.82 -19.52 -33.75
N SER A 517 -15.65 -18.39 -34.42
CA SER A 517 -15.72 -18.38 -35.88
C SER A 517 -14.44 -18.87 -36.54
N CYS A 518 -13.36 -19.03 -35.79
CA CYS A 518 -12.08 -19.46 -36.35
C CYS A 518 -11.98 -20.98 -36.36
C10 WDA B . -17.66 -1.51 -4.80
C13 WDA B . -17.20 1.72 -6.84
C15 WDA B . -17.90 4.15 -6.49
C17 WDA B . -18.06 6.07 -4.98
C21 WDA B . -15.82 5.47 -5.94
C26 WDA B . -18.35 0.92 -4.48
C28 WDA B . -14.49 -2.12 -4.05
C01 WDA B . -12.06 -2.46 -4.26
C03 WDA B . -13.20 -2.70 -2.01
C05 WDA B . -14.31 -2.96 0.29
C06 WDA B . -15.60 -2.36 -1.81
C08 WDA B . -17.68 -1.95 -2.30
C11 WDA B . -17.72 -0.06 -5.23
C12 WDA B . -17.14 0.38 -6.43
C14 WDA B . -17.84 2.71 -6.07
C16 WDA B . -17.28 5.17 -5.85
C19 WDA B . -16.06 7.42 -4.40
C25 WDA B . -18.41 2.26 -4.88
C27 WDA B . -15.68 -2.09 -3.21
N02 WDA B . -13.28 -2.42 -3.43
N04 WDA B . -14.41 -2.67 -1.20
N07 WDA B . -16.86 -2.27 -1.25
N09 WDA B . -17.01 -1.83 -3.49
N18 WDA B . -17.43 7.12 -4.32
N20 WDA B . -15.29 6.57 -5.22
O22 WDA B . -15.04 4.82 -6.62
O23 WDA B . -15.56 8.36 -3.79
O24 WDA B . -19.27 5.93 -4.82
O29 WDA B . -14.51 -1.90 -5.25
O30 WDA B . -12.13 -2.96 -1.50
C1 EDO C . 2.08 -18.09 -28.91
O1 EDO C . 1.28 -19.05 -28.20
C2 EDO C . 1.19 -17.09 -29.61
O2 EDO C . 0.22 -17.78 -30.39
S SO4 D . 10.77 22.84 6.01
O1 SO4 D . 10.66 22.48 4.59
O2 SO4 D . 11.77 22.00 6.66
O3 SO4 D . 9.47 22.63 6.63
O4 SO4 D . 11.16 24.24 6.17
S SO4 E . -9.90 4.10 19.77
O1 SO4 E . -11.12 4.72 19.25
O2 SO4 E . -9.76 2.74 19.24
O3 SO4 E . -9.97 4.06 21.23
O4 SO4 E . -8.74 4.90 19.36
S SO4 F . -10.15 8.01 20.10
O1 SO4 F . -9.47 6.99 20.88
O2 SO4 F . -10.38 7.57 18.72
O3 SO4 F . -9.31 9.21 20.11
O4 SO4 F . -11.42 8.30 20.76
S SO4 G . 24.01 13.83 -2.25
O1 SO4 G . 24.24 14.49 -3.53
O2 SO4 G . 23.33 12.57 -2.48
O3 SO4 G . 23.22 14.72 -1.39
O4 SO4 G . 25.28 13.57 -1.58
#